data_5MF7
#
_entry.id   5MF7
#
_cell.length_a   138.056
_cell.length_b   50.034
_cell.length_c   67.202
_cell.angle_alpha   90.000
_cell.angle_beta   92.520
_cell.angle_gamma   90.000
#
_symmetry.space_group_name_H-M   'C 1 2 1'
#
loop_
_entity.id
_entity.type
_entity.pdbx_description
1 polymer 'Cellular tumor antigen p53'
2 polymer DNA
3 non-polymer 'ZINC ION'
4 non-polymer DI(HYDROXYETHYL)ETHER
5 water water
#
loop_
_entity_poly.entity_id
_entity_poly.type
_entity_poly.pdbx_seq_one_letter_code
_entity_poly.pdbx_strand_id
1 'polypeptide(L)'
;SSSVPSQKTYQGSYGFRLGFLHSGTAKSVTCTYSPALNKMFCQLAKTCPVQLWVDSTPPPGTRVRAMAIYKQSQHMTEVV
RRCPHHERCSDSDGLAPPQHLIRVEGNLRVEYLDDRNTFRHSVVVPYEPPEVGSDCTTIHYNYMCNSSCMGGMNRRPILT
IITLEDSSGNLLGRNSFEVRVCACPGRDRRTEEENLRKKG
;
A,B
2 'polydeoxyribonucleotide'
;(DT)(DG)(DA)(DA)(DC)(DA)(DT)(DG)(DT)(DC)(DT)(DA)(DA)(DG)(DC)(DA)(DT)(DG)(DC)(DT)
(DG)
;
C
#
loop_
_chem_comp.id
_chem_comp.type
_chem_comp.name
_chem_comp.formula
DA DNA linking 2'-DEOXYADENOSINE-5'-MONOPHOSPHATE 'C10 H14 N5 O6 P'
DC DNA linking 2'-DEOXYCYTIDINE-5'-MONOPHOSPHATE 'C9 H14 N3 O7 P'
DG DNA linking 2'-DEOXYGUANOSINE-5'-MONOPHOSPHATE 'C10 H14 N5 O7 P'
DT DNA linking THYMIDINE-5'-MONOPHOSPHATE 'C10 H15 N2 O8 P'
PEG non-polymer DI(HYDROXYETHYL)ETHER 'C4 H10 O3'
ZN non-polymer 'ZINC ION' 'Zn 2'
#
# COMPACT_ATOMS: atom_id res chain seq x y z
N SER A 1 -12.63 1.02 6.24
CA SER A 1 -11.68 2.12 6.13
C SER A 1 -10.29 1.54 5.95
N SER A 2 -9.41 2.30 5.30
CA SER A 2 -8.07 1.81 5.02
C SER A 2 -7.27 1.63 6.30
N SER A 3 -6.52 0.55 6.36
CA SER A 3 -5.54 0.38 7.41
C SER A 3 -4.13 0.69 6.92
N VAL A 4 -4.01 1.25 5.71
CA VAL A 4 -2.74 1.65 5.13
C VAL A 4 -2.60 3.15 5.28
N PRO A 5 -1.61 3.64 6.01
CA PRO A 5 -1.53 5.09 6.21
C PRO A 5 -1.06 5.79 4.96
N SER A 6 -1.56 7.00 4.76
CA SER A 6 -1.15 7.78 3.60
C SER A 6 0.32 8.17 3.70
N GLN A 7 0.99 8.16 2.57
CA GLN A 7 2.36 8.65 2.52
C GLN A 7 2.49 9.92 1.71
N LYS A 8 1.38 10.44 1.20
CA LYS A 8 1.49 11.58 0.29
C LYS A 8 1.93 12.83 1.04
N THR A 9 2.92 13.54 0.49
CA THR A 9 3.39 14.78 1.11
C THR A 9 2.24 15.78 1.24
N TYR A 10 2.09 16.36 2.43
CA TYR A 10 1.09 17.41 2.65
C TYR A 10 1.77 18.47 3.50
N GLN A 11 2.36 19.48 2.86
N GLN A 11 2.37 19.47 2.83
CA GLN A 11 3.09 20.44 3.68
CA GLN A 11 3.07 20.51 3.56
C GLN A 11 2.16 21.47 4.34
C GLN A 11 2.11 21.34 4.41
N GLY A 12 0.89 21.52 3.93
CA GLY A 12 -0.16 22.16 4.74
C GLY A 12 0.01 23.65 5.01
N SER A 13 -0.90 24.17 5.85
CA SER A 13 -0.97 25.62 6.10
C SER A 13 0.16 26.13 6.99
N TYR A 14 0.92 25.24 7.63
CA TYR A 14 2.02 25.64 8.49
C TYR A 14 3.38 25.56 7.79
N GLY A 15 3.41 25.14 6.53
CA GLY A 15 4.67 25.02 5.79
C GLY A 15 5.63 24.05 6.43
N PHE A 16 5.11 22.86 6.75
CA PHE A 16 5.88 21.83 7.45
C PHE A 16 6.85 21.14 6.49
N ARG A 17 8.14 21.07 6.87
CA ARG A 17 9.19 20.44 6.07
C ARG A 17 10.16 19.77 7.03
N LEU A 18 10.85 18.74 6.52
CA LEU A 18 11.90 18.04 7.23
C LEU A 18 13.27 18.51 6.77
N GLY A 19 14.23 18.47 7.70
CA GLY A 19 15.62 18.73 7.38
C GLY A 19 16.51 17.65 7.98
N PHE A 20 17.69 17.49 7.35
CA PHE A 20 18.65 16.48 7.74
C PHE A 20 20.04 17.14 7.76
N LEU A 21 20.74 17.01 8.89
CA LEU A 21 22.01 17.71 9.09
C LEU A 21 23.13 17.06 8.31
N VAL A 29 30.69 7.74 8.58
CA VAL A 29 29.42 8.33 9.02
C VAL A 29 28.46 7.25 9.50
N THR A 30 27.82 7.48 10.66
CA THR A 30 26.75 6.60 11.09
C THR A 30 25.43 6.89 10.39
N CYS A 31 25.34 8.05 9.75
N CYS A 31 25.26 8.08 9.81
CA CYS A 31 24.10 8.59 9.20
CA CYS A 31 24.00 8.37 9.14
C CYS A 31 24.48 9.44 8.00
C CYS A 31 24.21 9.50 8.13
N THR A 32 23.74 9.28 6.91
CA THR A 32 23.91 10.20 5.78
C THR A 32 22.62 10.23 4.96
N TYR A 33 22.19 11.44 4.59
CA TYR A 33 20.94 11.63 3.86
C TYR A 33 21.25 11.97 2.40
N SER A 34 20.54 11.31 1.47
CA SER A 34 20.63 11.58 0.04
C SER A 34 19.46 12.46 -0.39
N PRO A 35 19.69 13.71 -0.76
CA PRO A 35 18.59 14.53 -1.29
C PRO A 35 18.06 14.00 -2.60
N ALA A 36 18.93 13.49 -3.47
CA ALA A 36 18.46 13.00 -4.75
C ALA A 36 17.45 11.88 -4.59
N LEU A 37 17.67 11.01 -3.62
CA LEU A 37 16.80 9.87 -3.40
C LEU A 37 15.75 10.10 -2.32
N ASN A 38 15.77 11.25 -1.63
CA ASN A 38 15.00 11.49 -0.41
C ASN A 38 15.07 10.28 0.51
N LYS A 39 16.30 9.92 0.89
CA LYS A 39 16.53 8.62 1.53
C LYS A 39 17.62 8.74 2.57
N MET A 40 17.30 8.34 3.79
N MET A 40 17.34 8.31 3.80
CA MET A 40 18.27 8.27 4.87
CA MET A 40 18.31 8.35 4.87
C MET A 40 18.97 6.93 4.80
C MET A 40 18.95 6.98 4.98
N PHE A 41 20.28 6.94 5.03
CA PHE A 41 21.09 5.72 5.19
C PHE A 41 21.68 5.79 6.59
N CYS A 42 21.36 4.84 7.45
CA CYS A 42 21.83 4.92 8.83
C CYS A 42 22.13 3.52 9.38
N GLN A 43 22.71 3.49 10.58
CA GLN A 43 23.09 2.24 11.24
CA GLN A 43 23.07 2.23 11.23
C GLN A 43 22.10 1.90 12.35
N LEU A 44 21.94 0.60 12.60
CA LEU A 44 20.96 0.21 13.59
C LEU A 44 21.35 0.67 14.98
N ALA A 45 20.34 1.14 15.71
CA ALA A 45 20.43 1.51 17.12
C ALA A 45 21.37 2.69 17.36
N LYS A 46 21.66 3.48 16.33
CA LYS A 46 22.44 4.70 16.49
C LYS A 46 21.53 5.89 16.17
N THR A 47 21.52 6.88 17.07
CA THR A 47 20.63 8.03 16.97
CA THR A 47 20.54 7.94 16.91
C THR A 47 20.73 8.68 15.60
N CYS A 48 19.57 8.89 14.96
N CYS A 48 19.60 9.08 15.02
CA CYS A 48 19.44 9.66 13.71
CA CYS A 48 19.54 9.68 13.69
C CYS A 48 18.68 10.94 14.00
C CYS A 48 18.68 10.93 13.73
N PRO A 49 19.28 12.11 13.88
CA PRO A 49 18.51 13.35 14.09
C PRO A 49 17.73 13.77 12.84
N VAL A 50 16.47 14.18 13.06
CA VAL A 50 15.60 14.71 12.00
C VAL A 50 15.13 16.08 12.46
N GLN A 51 15.25 17.08 11.57
CA GLN A 51 14.83 18.44 11.91
C GLN A 51 13.41 18.70 11.41
N LEU A 52 12.63 19.41 12.22
CA LEU A 52 11.29 19.84 11.88
C LEU A 52 11.36 21.33 11.61
N TRP A 53 10.92 21.74 10.42
CA TRP A 53 10.84 23.14 10.02
C TRP A 53 9.39 23.51 9.73
N VAL A 54 8.96 24.68 10.18
CA VAL A 54 7.64 25.19 9.85
C VAL A 54 7.73 26.66 9.52
N ASP A 55 6.80 27.15 8.67
CA ASP A 55 6.70 28.57 8.36
C ASP A 55 5.84 29.36 9.35
N SER A 56 4.79 28.72 9.88
CA SER A 56 3.91 29.31 10.90
C SER A 56 3.89 28.40 12.12
N THR A 57 3.72 29.00 13.30
CA THR A 57 3.81 28.25 14.55
C THR A 57 2.57 27.39 14.77
N PRO A 58 2.73 26.08 15.01
CA PRO A 58 1.57 25.24 15.27
C PRO A 58 0.92 25.60 16.60
N PRO A 59 -0.34 25.26 16.78
CA PRO A 59 -1.02 25.56 18.05
C PRO A 59 -0.43 24.77 19.21
N PRO A 60 -0.65 25.25 20.44
CA PRO A 60 -0.26 24.45 21.61
C PRO A 60 -0.92 23.08 21.59
N GLY A 61 -0.18 22.07 22.03
CA GLY A 61 -0.69 20.71 22.02
C GLY A 61 -0.43 19.94 20.75
N THR A 62 0.31 20.52 19.80
CA THR A 62 0.61 19.80 18.57
C THR A 62 1.57 18.64 18.87
N ARG A 63 1.39 17.54 18.15
CA ARG A 63 2.16 16.32 18.36
C ARG A 63 2.89 15.96 17.09
N VAL A 64 3.98 15.18 17.22
CA VAL A 64 4.77 14.74 16.07
C VAL A 64 4.84 13.23 16.10
N ARG A 65 4.29 12.59 15.08
CA ARG A 65 4.20 11.13 15.03
C ARG A 65 5.08 10.56 13.93
N ALA A 66 5.77 9.45 14.24
CA ALA A 66 6.52 8.74 13.22
C ALA A 66 6.01 7.31 13.08
N MET A 67 5.95 6.87 11.84
CA MET A 67 5.47 5.53 11.53
C MET A 67 6.21 5.00 10.32
N ALA A 68 6.53 3.71 10.33
CA ALA A 68 7.18 3.09 9.18
C ALA A 68 6.16 2.32 8.36
N ILE A 69 6.30 2.38 7.03
N ILE A 69 6.36 2.32 7.04
N ILE A 69 6.36 2.33 7.03
CA ILE A 69 5.55 1.47 6.15
CA ILE A 69 5.52 1.58 6.09
CA ILE A 69 5.53 1.60 6.07
C ILE A 69 6.48 0.92 5.10
C ILE A 69 6.41 1.00 5.01
C ILE A 69 6.45 0.98 5.02
N TYR A 70 6.10 -0.22 4.55
CA TYR A 70 6.89 -0.81 3.46
C TYR A 70 6.60 -0.02 2.18
N LYS A 71 7.65 0.24 1.41
CA LYS A 71 7.54 1.09 0.22
C LYS A 71 6.96 0.32 -0.97
N GLN A 72 7.27 -0.97 -1.10
CA GLN A 72 6.84 -1.78 -2.24
C GLN A 72 5.37 -2.16 -2.14
N SER A 73 4.67 -2.09 -3.29
CA SER A 73 3.22 -2.36 -3.31
C SER A 73 2.88 -3.75 -2.78
N GLN A 74 3.72 -4.74 -3.07
N GLN A 74 3.72 -4.75 -3.07
CA GLN A 74 3.48 -6.11 -2.60
CA GLN A 74 3.46 -6.11 -2.57
C GLN A 74 3.59 -6.26 -1.09
C GLN A 74 3.39 -6.16 -1.04
N HIS A 75 4.11 -5.26 -0.37
CA HIS A 75 4.33 -5.34 1.07
C HIS A 75 3.64 -4.26 1.88
N MET A 76 3.03 -3.28 1.21
CA MET A 76 2.50 -2.09 1.88
C MET A 76 1.45 -2.43 2.93
N THR A 77 0.66 -3.48 2.73
CA THR A 77 -0.32 -3.79 3.77
C THR A 77 0.24 -4.58 4.96
N GLU A 78 1.55 -4.89 4.99
CA GLU A 78 2.10 -5.62 6.14
C GLU A 78 2.68 -4.63 7.14
N VAL A 79 2.35 -4.85 8.42
CA VAL A 79 2.87 -3.97 9.48
C VAL A 79 4.38 -4.16 9.59
N VAL A 80 5.12 -3.05 9.70
CA VAL A 80 6.58 -3.05 9.88
C VAL A 80 6.87 -3.27 11.36
N ARG A 81 7.65 -4.32 11.67
N ARG A 81 7.63 -4.33 11.68
CA ARG A 81 7.94 -4.70 13.04
CA ARG A 81 7.91 -4.70 13.07
C ARG A 81 9.43 -4.98 13.22
C ARG A 81 9.37 -5.08 13.24
N ARG A 82 9.84 -4.96 14.49
CA ARG A 82 11.17 -5.44 14.85
C ARG A 82 11.27 -6.95 14.60
N CYS A 83 12.45 -7.42 14.15
CA CYS A 83 12.69 -8.85 13.94
C CYS A 83 12.73 -9.57 15.30
N PRO A 84 12.51 -10.87 15.31
CA PRO A 84 12.47 -11.58 16.60
C PRO A 84 13.82 -11.57 17.33
N HIS A 85 14.96 -11.57 16.61
CA HIS A 85 16.24 -11.54 17.30
C HIS A 85 16.42 -10.24 18.09
N HIS A 86 16.18 -9.10 17.44
CA HIS A 86 16.38 -7.84 18.15
C HIS A 86 15.27 -7.58 19.13
N GLU A 87 14.10 -8.20 18.97
CA GLU A 87 13.08 -8.10 19.99
C GLU A 87 13.53 -8.78 21.27
N ARG A 88 14.14 -9.95 21.14
CA ARG A 88 14.44 -10.78 22.30
C ARG A 88 15.56 -10.20 23.13
N CYS A 89 16.56 -9.59 22.50
CA CYS A 89 17.49 -8.77 23.25
C CYS A 89 17.10 -7.30 23.12
N LEU A 95 11.37 1.93 27.99
CA LEU A 95 10.05 2.48 27.69
C LEU A 95 9.44 1.91 26.40
N ALA A 96 10.24 1.78 25.35
CA ALA A 96 9.72 1.29 24.08
C ALA A 96 9.40 -0.21 24.16
N PRO A 97 8.22 -0.64 23.72
CA PRO A 97 7.93 -2.07 23.59
C PRO A 97 8.90 -2.70 22.62
N PRO A 98 9.33 -3.93 22.88
CA PRO A 98 10.42 -4.52 22.10
C PRO A 98 10.03 -4.80 20.67
N GLN A 99 8.74 -4.77 20.34
CA GLN A 99 8.30 -5.01 18.97
C GLN A 99 8.44 -3.79 18.08
N HIS A 100 8.62 -2.62 18.65
CA HIS A 100 8.65 -1.40 17.84
C HIS A 100 10.00 -1.22 17.16
N LEU A 101 9.96 -0.93 15.86
CA LEU A 101 11.18 -0.63 15.11
C LEU A 101 11.74 0.76 15.44
N ILE A 102 10.90 1.79 15.50
CA ILE A 102 11.35 3.18 15.62
C ILE A 102 11.22 3.63 17.05
N ARG A 103 12.33 4.10 17.62
CA ARG A 103 12.32 4.72 18.95
C ARG A 103 12.67 6.21 18.83
N VAL A 104 12.26 6.96 19.86
CA VAL A 104 12.72 8.34 20.05
C VAL A 104 13.55 8.38 21.33
N GLU A 105 14.79 8.88 21.21
N GLU A 105 14.78 8.89 21.23
CA GLU A 105 15.66 9.12 22.34
CA GLU A 105 15.60 9.06 22.41
C GLU A 105 15.58 10.58 22.79
C GLU A 105 15.69 10.54 22.75
N GLY A 106 16.00 10.82 24.02
CA GLY A 106 16.20 12.18 24.46
C GLY A 106 14.95 13.00 24.65
N ASN A 107 13.82 12.37 24.97
CA ASN A 107 12.56 13.08 25.14
C ASN A 107 11.81 12.45 26.31
N LEU A 108 11.34 13.29 27.22
CA LEU A 108 10.69 12.79 28.41
C LEU A 108 9.20 12.52 28.22
N ARG A 109 8.64 12.80 27.06
CA ARG A 109 7.20 12.62 26.88
C ARG A 109 6.89 11.78 25.66
N VAL A 110 7.70 10.76 25.41
N VAL A 110 7.75 10.79 25.39
CA VAL A 110 7.50 9.90 24.25
CA VAL A 110 7.52 9.86 24.30
C VAL A 110 6.42 8.87 24.56
C VAL A 110 6.33 8.97 24.64
N GLU A 111 5.48 8.71 23.63
CA GLU A 111 4.43 7.70 23.74
C GLU A 111 4.55 6.73 22.58
N TYR A 112 4.43 5.43 22.88
CA TYR A 112 4.45 4.38 21.87
C TYR A 112 3.04 3.84 21.72
N LEU A 113 2.58 3.73 20.48
N LEU A 113 2.55 3.79 20.48
CA LEU A 113 1.20 3.37 20.19
CA LEU A 113 1.20 3.37 20.17
C LEU A 113 1.15 2.12 19.32
C LEU A 113 1.21 2.07 19.36
N ASP A 114 0.32 1.15 19.74
CA ASP A 114 -0.01 -0.03 18.94
C ASP A 114 -1.48 0.14 18.56
N ASP A 115 -1.76 0.43 17.29
CA ASP A 115 -3.13 0.80 16.95
C ASP A 115 -4.06 -0.39 17.15
N ARG A 116 -5.16 -0.19 17.90
CA ARG A 116 -6.01 -1.33 18.21
C ARG A 116 -6.77 -1.85 16.99
N ASN A 117 -6.91 -1.05 15.93
CA ASN A 117 -7.60 -1.50 14.73
C ASN A 117 -6.68 -1.87 13.58
N THR A 118 -5.64 -1.05 13.31
CA THR A 118 -4.76 -1.30 12.18
C THR A 118 -3.53 -2.14 12.56
N PHE A 119 -3.26 -2.30 13.86
CA PHE A 119 -2.11 -2.98 14.43
C PHE A 119 -0.77 -2.28 14.09
N ARG A 120 -0.81 -1.09 13.48
CA ARG A 120 0.40 -0.35 13.14
C ARG A 120 1.06 0.25 14.39
N HIS A 121 2.40 0.28 14.40
CA HIS A 121 3.14 0.91 15.47
C HIS A 121 3.46 2.38 15.11
N SER A 122 3.45 3.25 16.12
CA SER A 122 3.95 4.60 15.87
C SER A 122 4.54 5.14 17.18
N VAL A 123 5.36 6.18 17.05
CA VAL A 123 5.95 6.82 18.22
C VAL A 123 5.73 8.33 18.11
N VAL A 124 5.26 8.95 19.21
CA VAL A 124 4.77 10.33 19.20
C VAL A 124 5.46 11.11 20.31
N VAL A 125 5.83 12.37 20.01
CA VAL A 125 6.34 13.29 21.01
C VAL A 125 5.64 14.64 20.80
N PRO A 126 5.59 15.46 21.84
CA PRO A 126 5.04 16.82 21.66
C PRO A 126 5.90 17.63 20.70
N TYR A 127 5.23 18.45 19.88
CA TYR A 127 5.94 19.47 19.12
C TYR A 127 6.37 20.58 20.06
N GLU A 128 7.66 20.92 20.00
CA GLU A 128 8.24 22.00 20.79
C GLU A 128 8.77 23.03 19.83
N PRO A 129 8.30 24.28 19.89
CA PRO A 129 8.84 25.29 18.99
C PRO A 129 10.31 25.52 19.31
N PRO A 130 11.11 25.90 18.33
CA PRO A 130 12.51 26.24 18.60
C PRO A 130 12.64 27.26 19.72
N GLU A 131 13.74 27.17 20.47
CA GLU A 131 14.01 28.12 21.53
C GLU A 131 14.14 29.52 20.97
N VAL A 132 13.81 30.53 21.79
CA VAL A 132 13.99 31.93 21.40
C VAL A 132 15.38 32.08 20.77
N GLY A 133 15.42 32.38 19.48
CA GLY A 133 16.66 32.50 18.77
C GLY A 133 17.06 31.30 17.93
N SER A 134 16.27 30.23 17.94
CA SER A 134 16.56 29.03 17.15
C SER A 134 15.73 29.02 15.85
N ASP A 135 16.05 28.08 14.97
CA ASP A 135 15.43 27.96 13.65
C ASP A 135 14.62 26.69 13.41
N CYS A 136 14.87 25.59 14.14
CA CYS A 136 14.14 24.34 13.88
C CYS A 136 14.21 23.47 15.11
N THR A 137 13.48 22.34 15.07
CA THR A 137 13.36 21.41 16.19
C THR A 137 13.89 20.06 15.75
N THR A 138 14.70 19.45 16.58
CA THR A 138 15.31 18.17 16.23
C THR A 138 14.70 17.07 17.06
N ILE A 139 14.39 15.95 16.41
CA ILE A 139 13.96 14.74 17.10
C ILE A 139 14.99 13.65 16.82
N HIS A 140 15.37 12.93 17.88
CA HIS A 140 16.42 11.91 17.85
C HIS A 140 15.77 10.52 17.67
N TYR A 141 15.63 10.09 16.41
CA TYR A 141 15.06 8.79 16.10
C TYR A 141 16.13 7.71 16.15
N ASN A 142 15.70 6.47 16.38
CA ASN A 142 16.58 5.30 16.44
C ASN A 142 15.86 4.15 15.76
N TYR A 143 16.50 3.50 14.80
CA TYR A 143 15.94 2.33 14.13
C TYR A 143 16.62 1.09 14.70
N MET A 144 15.83 0.16 15.22
N MET A 144 15.83 0.15 15.22
CA MET A 144 16.38 -0.91 16.02
CA MET A 144 16.35 -0.95 16.04
C MET A 144 16.61 -2.22 15.25
C MET A 144 16.67 -2.21 15.24
N CYS A 145 16.45 -2.21 13.93
CA CYS A 145 16.79 -3.33 13.06
C CYS A 145 17.51 -2.83 11.82
N ASN A 146 18.31 -3.69 11.22
CA ASN A 146 18.75 -3.43 9.86
C ASN A 146 17.61 -3.70 8.87
N SER A 147 17.64 -2.97 7.75
CA SER A 147 16.70 -3.28 6.66
C SER A 147 16.76 -4.75 6.27
N SER A 148 17.90 -5.39 6.45
CA SER A 148 18.06 -6.76 6.02
C SER A 148 17.61 -7.81 7.03
N CYS A 149 17.16 -7.44 8.25
CA CYS A 149 16.95 -8.43 9.32
C CYS A 149 15.94 -9.50 8.90
N MET A 150 16.37 -10.75 8.99
CA MET A 150 15.49 -11.89 8.75
C MET A 150 14.34 -11.91 9.76
N GLY A 151 13.12 -12.15 9.25
CA GLY A 151 11.98 -12.15 10.14
C GLY A 151 11.47 -10.77 10.54
N GLY A 152 12.12 -9.73 10.06
CA GLY A 152 11.63 -8.37 10.23
C GLY A 152 11.49 -7.76 8.86
N MET A 153 12.21 -6.66 8.61
CA MET A 153 12.09 -5.99 7.33
C MET A 153 12.58 -6.83 6.16
N ASN A 154 13.51 -7.77 6.40
CA ASN A 154 13.87 -8.80 5.41
C ASN A 154 14.28 -8.23 4.05
N ARG A 155 15.08 -7.15 4.06
CA ARG A 155 15.59 -6.44 2.89
C ARG A 155 14.55 -5.58 2.17
N ARG A 156 13.34 -5.43 2.72
CA ARG A 156 12.31 -4.62 2.07
C ARG A 156 12.49 -3.15 2.46
N PRO A 157 12.62 -2.21 1.53
CA PRO A 157 12.73 -0.80 1.91
C PRO A 157 11.48 -0.29 2.59
N ILE A 158 11.68 0.63 3.52
CA ILE A 158 10.60 1.31 4.23
C ILE A 158 10.64 2.81 3.95
N LEU A 159 9.50 3.43 4.18
CA LEU A 159 9.40 4.88 4.34
C LEU A 159 9.11 5.16 5.80
N THR A 160 9.67 6.24 6.31
CA THR A 160 9.23 6.79 7.58
C THR A 160 8.31 7.97 7.28
N ILE A 161 7.11 7.94 7.85
CA ILE A 161 6.10 9.00 7.67
C ILE A 161 6.08 9.83 8.95
N ILE A 162 6.32 11.15 8.82
CA ILE A 162 6.29 12.04 9.96
C ILE A 162 5.04 12.92 9.80
N THR A 163 4.13 12.85 10.76
CA THR A 163 2.94 13.68 10.69
C THR A 163 2.93 14.69 11.83
N LEU A 164 2.55 15.93 11.50
CA LEU A 164 2.27 16.95 12.49
C LEU A 164 0.76 16.94 12.72
N GLU A 165 0.34 16.77 13.96
CA GLU A 165 -1.08 16.60 14.31
C GLU A 165 -1.46 17.53 15.44
N ASP A 166 -2.67 18.11 15.38
CA ASP A 166 -3.05 18.89 16.55
C ASP A 166 -3.57 17.96 17.64
N SER A 167 -3.82 18.54 18.81
CA SER A 167 -4.27 17.71 19.92
C SER A 167 -5.64 17.07 19.64
N SER A 168 -6.44 17.68 18.76
CA SER A 168 -7.73 17.11 18.39
C SER A 168 -7.61 15.95 17.41
N GLY A 169 -6.41 15.76 16.84
CA GLY A 169 -6.15 14.71 15.90
C GLY A 169 -6.19 15.15 14.46
N ASN A 170 -6.43 16.43 14.18
CA ASN A 170 -6.39 16.91 12.81
C ASN A 170 -4.98 16.76 12.24
N LEU A 171 -4.90 16.28 11.00
CA LEU A 171 -3.63 16.31 10.28
C LEU A 171 -3.30 17.74 9.91
N LEU A 172 -2.15 18.25 10.37
CA LEU A 172 -1.64 19.55 9.99
C LEU A 172 -0.58 19.50 8.91
N GLY A 173 0.25 18.45 8.87
CA GLY A 173 1.22 18.32 7.81
C GLY A 173 1.75 16.91 7.80
N ARG A 174 2.31 16.51 6.66
CA ARG A 174 2.84 15.16 6.51
C ARG A 174 4.04 15.22 5.58
N ASN A 175 5.11 14.51 5.96
CA ASN A 175 6.26 14.35 5.09
C ASN A 175 6.77 12.93 5.26
N SER A 176 7.59 12.49 4.31
CA SER A 176 8.14 11.15 4.48
C SER A 176 9.51 11.06 3.81
N PHE A 177 10.26 10.03 4.19
CA PHE A 177 11.55 9.78 3.58
C PHE A 177 11.82 8.29 3.62
N GLU A 178 12.51 7.79 2.60
CA GLU A 178 12.87 6.40 2.60
C GLU A 178 14.02 6.17 3.59
N VAL A 179 14.08 4.97 4.17
CA VAL A 179 15.16 4.63 5.09
C VAL A 179 15.80 3.31 4.66
N ARG A 180 17.13 3.26 4.67
CA ARG A 180 17.85 2.00 4.63
C ARG A 180 18.73 1.94 5.87
N VAL A 181 18.44 1.01 6.75
CA VAL A 181 19.27 0.78 7.92
C VAL A 181 20.27 -0.31 7.51
N CYS A 182 21.57 -0.02 7.61
CA CYS A 182 22.56 -0.90 7.00
C CYS A 182 23.90 -0.71 7.73
N ALA A 183 24.82 -1.64 7.47
CA ALA A 183 26.10 -1.60 8.17
C ALA A 183 27.01 -0.51 7.63
N CYS A 184 26.88 -0.15 6.36
CA CYS A 184 27.81 0.72 5.65
C CYS A 184 27.03 1.80 4.90
N PRO A 185 26.49 2.78 5.64
CA PRO A 185 25.65 3.83 5.01
C PRO A 185 26.37 4.60 3.91
N GLY A 186 27.64 4.95 4.09
CA GLY A 186 28.32 5.71 3.05
C GLY A 186 28.47 4.91 1.77
N ARG A 187 28.94 3.66 1.89
CA ARG A 187 29.02 2.80 0.72
C ARG A 187 27.69 2.69 0.02
N ASP A 188 26.64 2.40 0.79
CA ASP A 188 25.37 2.03 0.15
C ASP A 188 24.70 3.24 -0.47
N ARG A 189 24.90 4.42 0.10
CA ARG A 189 24.40 5.65 -0.53
C ARG A 189 25.11 5.91 -1.84
N ARG A 190 26.44 5.74 -1.87
CA ARG A 190 27.17 5.92 -3.11
C ARG A 190 26.70 4.95 -4.17
N THR A 191 26.52 3.68 -3.80
CA THR A 191 26.06 2.69 -4.76
C THR A 191 24.70 3.05 -5.33
N GLU A 192 23.77 3.50 -4.48
CA GLU A 192 22.43 3.75 -4.99
C GLU A 192 22.39 5.01 -5.84
N GLU A 193 23.16 6.04 -5.48
CA GLU A 193 23.16 7.25 -6.31
C GLU A 193 23.77 6.96 -7.67
N GLU A 194 24.83 6.14 -7.70
CA GLU A 194 25.45 5.76 -8.97
CA GLU A 194 25.45 5.76 -8.97
C GLU A 194 24.48 4.93 -9.81
N ASN A 195 23.77 3.99 -9.18
CA ASN A 195 22.79 3.19 -9.90
CA ASN A 195 22.79 3.19 -9.90
C ASN A 195 21.70 4.06 -10.49
N LEU A 196 21.26 5.08 -9.74
CA LEU A 196 20.27 6.00 -10.27
C LEU A 196 20.79 6.70 -11.54
N ARG A 197 22.03 7.20 -11.50
CA ARG A 197 22.58 7.91 -12.65
C ARG A 197 22.72 7.00 -13.86
N LYS A 198 23.10 5.74 -13.64
CA LYS A 198 23.43 4.86 -14.75
C LYS A 198 22.24 4.05 -15.29
N LYS A 199 21.26 3.73 -14.45
CA LYS A 199 20.22 2.78 -14.85
C LYS A 199 18.80 3.22 -14.47
N GLY A 200 18.63 4.37 -13.81
CA GLY A 200 17.33 4.83 -13.39
C GLY A 200 16.54 5.57 -14.45
N SER B 1 -34.37 -14.53 -14.16
CA SER B 1 -33.42 -13.42 -14.26
C SER B 1 -32.04 -13.98 -14.43
N SER B 2 -31.17 -13.22 -15.08
CA SER B 2 -29.84 -13.74 -15.37
C SER B 2 -29.03 -13.91 -14.10
N SER B 3 -28.24 -14.98 -14.05
CA SER B 3 -27.27 -15.14 -13.00
C SER B 3 -25.86 -14.84 -13.48
N VAL B 4 -25.73 -14.33 -14.71
CA VAL B 4 -24.45 -13.92 -15.26
C VAL B 4 -24.32 -12.41 -15.10
N PRO B 5 -23.33 -11.90 -14.40
CA PRO B 5 -23.25 -10.45 -14.19
C PRO B 5 -22.77 -9.75 -15.44
N SER B 6 -23.29 -8.54 -15.65
CA SER B 6 -22.87 -7.76 -16.80
C SER B 6 -21.40 -7.37 -16.69
N GLN B 7 -20.72 -7.43 -17.82
CA GLN B 7 -19.38 -6.90 -17.89
C GLN B 7 -19.26 -5.61 -18.69
N LYS B 8 -20.36 -5.06 -19.21
CA LYS B 8 -20.23 -3.93 -20.13
C LYS B 8 -19.80 -2.69 -19.37
N THR B 9 -18.79 -1.98 -19.91
CA THR B 9 -18.32 -0.75 -19.28
C THR B 9 -19.48 0.25 -19.16
N TYR B 10 -19.62 0.84 -17.97
CA TYR B 10 -20.64 1.88 -17.75
C TYR B 10 -19.95 2.93 -16.89
N GLN B 11 -19.35 3.93 -17.53
N GLN B 11 -19.31 3.89 -17.55
CA GLN B 11 -18.63 4.91 -16.74
CA GLN B 11 -18.63 4.95 -16.82
C GLN B 11 -19.54 5.95 -16.10
C GLN B 11 -19.61 5.77 -15.96
N GLY B 12 -20.83 5.97 -16.44
CA GLY B 12 -21.89 6.63 -15.68
C GLY B 12 -21.73 8.12 -15.39
N SER B 13 -22.64 8.64 -14.56
CA SER B 13 -22.68 10.08 -14.29
C SER B 13 -21.56 10.58 -13.41
N TYR B 14 -20.79 9.71 -12.78
CA TYR B 14 -19.70 10.13 -11.92
C TYR B 14 -18.34 10.03 -12.61
N GLY B 15 -18.30 9.58 -13.86
CA GLY B 15 -17.04 9.53 -14.58
C GLY B 15 -16.08 8.52 -13.96
N PHE B 16 -16.59 7.32 -13.66
CA PHE B 16 -15.86 6.28 -12.96
C PHE B 16 -14.88 5.59 -13.92
N ARG B 17 -13.59 5.56 -13.54
CA ARG B 17 -12.54 4.91 -14.33
C ARG B 17 -11.57 4.23 -13.37
N LEU B 18 -10.88 3.21 -13.87
CA LEU B 18 -9.81 2.49 -13.16
C LEU B 18 -8.44 2.97 -13.60
N GLY B 19 -7.48 2.98 -12.66
CA GLY B 19 -6.10 3.23 -13.00
C GLY B 19 -5.21 2.14 -12.43
N PHE B 20 -4.04 1.97 -13.06
CA PHE B 20 -3.08 0.94 -12.67
C PHE B 20 -1.71 1.59 -12.63
N LEU B 21 -1.01 1.47 -11.51
CA LEU B 21 0.26 2.17 -11.30
C LEU B 21 1.40 1.53 -12.10
N VAL B 29 8.96 -7.79 -11.78
CA VAL B 29 7.70 -7.19 -11.38
C VAL B 29 6.75 -8.27 -10.89
N THR B 30 6.09 -8.03 -9.75
CA THR B 30 5.03 -8.93 -9.32
C THR B 30 3.72 -8.62 -10.01
N CYS B 31 3.60 -7.49 -10.69
N CYS B 31 3.54 -7.42 -10.54
CA CYS B 31 2.29 -7.05 -11.19
CA CYS B 31 2.35 -7.17 -11.32
C CYS B 31 2.48 -5.98 -12.27
C CYS B 31 2.69 -6.15 -12.37
N THR B 32 1.98 -6.24 -13.49
CA THR B 32 2.17 -5.32 -14.60
C THR B 32 0.89 -5.28 -15.45
N TYR B 33 0.45 -4.08 -15.80
CA TYR B 33 -0.79 -3.89 -16.53
C TYR B 33 -0.48 -3.57 -18.00
N SER B 34 -1.20 -4.25 -18.92
CA SER B 34 -1.10 -3.96 -20.34
C SER B 34 -2.25 -3.09 -20.79
N PRO B 35 -2.01 -1.84 -21.17
CA PRO B 35 -3.14 -1.04 -21.68
C PRO B 35 -3.67 -1.56 -22.99
N ALA B 36 -2.79 -2.08 -23.87
CA ALA B 36 -3.28 -2.54 -25.18
C ALA B 36 -4.28 -3.66 -25.01
N LEU B 37 -4.03 -4.55 -24.05
CA LEU B 37 -4.90 -5.70 -23.79
C LEU B 37 -5.96 -5.44 -22.72
N ASN B 38 -5.93 -4.28 -22.05
CA ASN B 38 -6.72 -4.04 -20.82
C ASN B 38 -6.66 -5.27 -19.90
N LYS B 39 -5.44 -5.62 -19.53
CA LYS B 39 -5.20 -6.90 -18.86
C LYS B 39 -4.09 -6.78 -17.84
N MET B 40 -4.40 -7.19 -16.62
N MET B 40 -4.40 -7.22 -16.62
CA MET B 40 -3.43 -7.25 -15.52
CA MET B 40 -3.42 -7.27 -15.54
C MET B 40 -2.78 -8.62 -15.50
C MET B 40 -2.77 -8.63 -15.49
N PHE B 41 -1.44 -8.62 -15.40
CA PHE B 41 -0.64 -9.82 -15.18
C PHE B 41 -0.06 -9.72 -13.78
N CYS B 42 -0.34 -10.70 -12.92
CA CYS B 42 0.12 -10.60 -11.53
C CYS B 42 0.43 -11.99 -10.99
N GLN B 43 1.01 -12.03 -9.80
CA GLN B 43 1.37 -13.28 -9.16
CA GLN B 43 1.36 -13.29 -9.16
C GLN B 43 0.37 -13.61 -8.05
N LEU B 44 0.23 -14.89 -7.78
CA LEU B 44 -0.77 -15.30 -6.82
C LEU B 44 -0.39 -14.87 -5.41
N ALA B 45 -1.41 -14.40 -4.68
CA ALA B 45 -1.30 -14.04 -3.28
C ALA B 45 -0.36 -12.85 -3.05
N LYS B 46 -0.07 -12.06 -4.08
CA LYS B 46 0.72 -10.84 -3.94
C LYS B 46 -0.19 -9.66 -4.22
N THR B 47 -0.15 -8.67 -3.33
CA THR B 47 -1.05 -7.52 -3.41
CA THR B 47 -1.15 -7.61 -3.47
C THR B 47 -0.97 -6.86 -4.79
N CYS B 48 -2.13 -6.66 -5.41
N CYS B 48 -2.11 -6.47 -5.35
CA CYS B 48 -2.31 -5.91 -6.64
CA CYS B 48 -2.16 -5.87 -6.68
C CYS B 48 -3.04 -4.62 -6.32
C CYS B 48 -3.05 -4.63 -6.65
N PRO B 49 -2.45 -3.44 -6.51
CA PRO B 49 -3.24 -2.21 -6.32
C PRO B 49 -4.01 -1.78 -7.56
N VAL B 50 -5.25 -1.37 -7.34
CA VAL B 50 -6.10 -0.82 -8.39
C VAL B 50 -6.60 0.56 -7.95
N GLN B 51 -6.46 1.55 -8.82
CA GLN B 51 -6.89 2.92 -8.50
C GLN B 51 -8.31 3.17 -8.98
N LEU B 52 -9.09 3.87 -8.15
CA LEU B 52 -10.42 4.33 -8.52
C LEU B 52 -10.36 5.82 -8.78
N TRP B 53 -10.81 6.23 -9.96
CA TRP B 53 -10.90 7.62 -10.38
C TRP B 53 -12.34 7.99 -10.66
N VAL B 54 -12.76 9.18 -10.24
CA VAL B 54 -14.10 9.68 -10.55
C VAL B 54 -13.98 11.14 -10.89
N ASP B 55 -14.91 11.61 -11.71
CA ASP B 55 -15.03 13.02 -12.06
C ASP B 55 -15.89 13.81 -11.06
N SER B 56 -16.91 13.16 -10.50
CA SER B 56 -17.83 13.75 -9.53
C SER B 56 -17.86 12.85 -8.30
N THR B 57 -18.03 13.46 -7.12
CA THR B 57 -17.94 12.73 -5.86
C THR B 57 -19.18 11.87 -5.63
N PRO B 58 -19.03 10.57 -5.39
CA PRO B 58 -20.19 9.72 -5.15
C PRO B 58 -20.83 10.06 -3.81
N PRO B 59 -22.09 9.69 -3.61
CA PRO B 59 -22.77 10.01 -2.35
C PRO B 59 -22.17 9.24 -1.18
N PRO B 60 -22.37 9.73 0.04
CA PRO B 60 -21.97 8.94 1.21
C PRO B 60 -22.64 7.56 1.19
N GLY B 61 -21.91 6.55 1.64
CA GLY B 61 -22.42 5.20 1.63
C GLY B 61 -22.15 4.42 0.34
N THR B 62 -21.41 5.00 -0.60
CA THR B 62 -21.10 4.28 -1.83
C THR B 62 -20.15 3.12 -1.53
N ARG B 63 -20.34 2.01 -2.25
CA ARG B 63 -19.59 0.77 -2.03
C ARG B 63 -18.85 0.40 -3.33
N VAL B 64 -17.75 -0.34 -3.20
CA VAL B 64 -16.94 -0.78 -4.35
C VAL B 64 -16.88 -2.30 -4.32
N ARG B 65 -17.46 -2.95 -5.34
CA ARG B 65 -17.54 -4.42 -5.37
C ARG B 65 -16.62 -4.96 -6.46
N ALA B 66 -15.94 -6.07 -6.18
CA ALA B 66 -15.18 -6.79 -7.19
C ALA B 66 -15.70 -8.23 -7.31
N MET B 67 -15.81 -8.69 -8.56
CA MET B 67 -16.30 -10.03 -8.88
C MET B 67 -15.52 -10.56 -10.08
N ALA B 68 -15.16 -11.83 -10.08
CA ALA B 68 -14.53 -12.45 -11.23
C ALA B 68 -15.56 -13.23 -12.05
N ILE B 69 -15.43 -13.18 -13.37
N ILE B 69 -15.35 -13.25 -13.35
CA ILE B 69 -16.20 -14.04 -14.26
CA ILE B 69 -16.19 -13.98 -14.30
C ILE B 69 -15.27 -14.57 -15.34
C ILE B 69 -15.29 -14.55 -15.40
N TYR B 70 -15.60 -15.77 -15.85
CA TYR B 70 -14.84 -16.33 -16.97
C TYR B 70 -15.12 -15.53 -18.23
N LYS B 71 -14.06 -15.28 -19.00
CA LYS B 71 -14.18 -14.45 -20.20
C LYS B 71 -14.77 -15.23 -21.38
N GLN B 72 -14.45 -16.52 -21.50
CA GLN B 72 -14.88 -17.33 -22.65
C GLN B 72 -16.36 -17.69 -22.56
N SER B 73 -17.05 -17.63 -23.70
CA SER B 73 -18.49 -17.88 -23.72
C SER B 73 -18.84 -19.26 -23.19
N GLN B 74 -18.00 -20.25 -23.46
N GLN B 74 -18.00 -20.26 -23.50
CA GLN B 74 -18.27 -21.61 -22.99
CA GLN B 74 -18.23 -21.61 -23.01
C GLN B 74 -18.13 -21.76 -21.48
C GLN B 74 -18.32 -21.66 -21.49
N HIS B 75 -17.62 -20.76 -20.79
CA HIS B 75 -17.42 -20.87 -19.35
C HIS B 75 -18.09 -19.78 -18.54
N MET B 76 -18.71 -18.81 -19.21
CA MET B 76 -19.23 -17.61 -18.56
C MET B 76 -20.27 -17.95 -17.48
N THR B 77 -21.05 -19.02 -17.65
CA THR B 77 -22.04 -19.33 -16.62
C THR B 77 -21.48 -20.12 -15.44
N GLU B 78 -20.18 -20.42 -15.41
CA GLU B 78 -19.64 -21.14 -14.26
C GLU B 78 -19.05 -20.15 -13.25
N VAL B 79 -19.39 -20.33 -11.98
CA VAL B 79 -18.84 -19.50 -10.92
C VAL B 79 -17.33 -19.69 -10.82
N VAL B 80 -16.59 -18.57 -10.73
CA VAL B 80 -15.13 -18.57 -10.51
C VAL B 80 -14.84 -18.79 -9.03
N ARG B 81 -14.10 -19.86 -8.72
N ARG B 81 -14.08 -19.84 -8.71
CA ARG B 81 -13.80 -20.28 -7.35
CA ARG B 81 -13.78 -20.20 -7.33
C ARG B 81 -12.32 -20.56 -7.16
C ARG B 81 -12.31 -20.53 -7.16
N ARG B 82 -11.86 -20.47 -5.91
CA ARG B 82 -10.55 -20.97 -5.55
C ARG B 82 -10.46 -22.48 -5.78
N CYS B 83 -9.27 -22.94 -6.20
CA CYS B 83 -9.05 -24.37 -6.42
C CYS B 83 -8.96 -25.10 -5.08
N PRO B 84 -9.20 -26.42 -5.07
CA PRO B 84 -9.24 -27.13 -3.78
C PRO B 84 -7.90 -27.12 -3.05
N HIS B 85 -6.78 -27.14 -3.77
CA HIS B 85 -5.48 -27.09 -3.09
C HIS B 85 -5.32 -25.78 -2.33
N HIS B 86 -5.55 -24.65 -2.98
CA HIS B 86 -5.35 -23.40 -2.26
C HIS B 86 -6.47 -23.13 -1.26
N GLU B 87 -7.63 -23.73 -1.44
CA GLU B 87 -8.66 -23.66 -0.42
C GLU B 87 -8.20 -24.34 0.87
N ARG B 88 -7.56 -25.51 0.74
CA ARG B 88 -7.26 -26.34 1.91
C ARG B 88 -6.14 -25.74 2.74
N CYS B 89 -5.16 -25.13 2.10
CA CYS B 89 -4.23 -24.32 2.86
C CYS B 89 -4.67 -22.87 2.81
N LEU B 95 -10.34 -13.61 7.61
CA LEU B 95 -11.67 -13.06 7.30
C LEU B 95 -12.27 -13.63 6.00
N ALA B 96 -11.47 -13.73 4.96
CA ALA B 96 -11.98 -14.24 3.68
C ALA B 96 -12.33 -15.72 3.77
N PRO B 97 -13.52 -16.14 3.33
CA PRO B 97 -13.80 -17.57 3.20
C PRO B 97 -12.82 -18.19 2.23
N PRO B 98 -12.42 -19.44 2.48
CA PRO B 98 -11.32 -20.02 1.69
C PRO B 98 -11.71 -20.32 0.26
N GLN B 99 -13.00 -20.33 -0.06
CA GLN B 99 -13.45 -20.57 -1.43
C GLN B 99 -13.31 -19.34 -2.33
N HIS B 100 -13.11 -18.15 -1.77
CA HIS B 100 -13.06 -16.93 -2.59
C HIS B 100 -11.72 -16.74 -3.25
N LEU B 101 -11.76 -16.45 -4.57
CA LEU B 101 -10.53 -16.15 -5.30
C LEU B 101 -9.97 -14.78 -4.95
N ILE B 102 -10.84 -13.74 -4.88
CA ILE B 102 -10.36 -12.37 -4.77
C ILE B 102 -10.50 -11.89 -3.34
N ARG B 103 -9.41 -11.44 -2.76
CA ARG B 103 -9.39 -10.79 -1.44
C ARG B 103 -9.06 -9.32 -1.56
N VAL B 104 -9.47 -8.55 -0.54
CA VAL B 104 -9.00 -7.18 -0.35
C VAL B 104 -8.17 -7.15 0.93
N GLU B 105 -6.95 -6.64 0.82
N GLU B 105 -6.96 -6.62 0.83
CA GLU B 105 -6.08 -6.42 1.97
CA GLU B 105 -6.08 -6.44 1.98
C GLU B 105 -6.14 -4.96 2.39
C GLU B 105 -6.01 -4.96 2.36
N GLY B 106 -5.69 -4.71 3.62
CA GLY B 106 -5.51 -3.34 4.08
C GLY B 106 -6.77 -2.53 4.27
N ASN B 107 -7.90 -3.17 4.55
CA ASN B 107 -9.14 -2.44 4.75
C ASN B 107 -9.89 -3.06 5.91
N LEU B 108 -10.42 -2.22 6.79
CA LEU B 108 -11.04 -2.71 8.01
C LEU B 108 -12.52 -2.99 7.85
N ARG B 109 -13.10 -2.71 6.68
CA ARG B 109 -14.53 -2.87 6.48
C ARG B 109 -14.84 -3.75 5.26
N VAL B 110 -14.01 -4.76 5.02
N VAL B 110 -13.96 -4.69 4.97
CA VAL B 110 -14.20 -5.64 3.86
CA VAL B 110 -14.22 -5.65 3.91
C VAL B 110 -15.27 -6.70 4.16
C VAL B 110 -15.42 -6.50 4.25
N GLU B 111 -16.23 -6.83 3.24
CA GLU B 111 -17.30 -7.82 3.35
C GLU B 111 -17.17 -8.79 2.18
N TYR B 112 -17.30 -10.08 2.46
CA TYR B 112 -17.26 -11.14 1.47
C TYR B 112 -18.65 -11.70 1.30
N LEU B 113 -19.13 -11.77 0.06
N LEU B 113 -19.14 -11.72 0.05
CA LEU B 113 -20.51 -12.16 -0.22
CA LEU B 113 -20.50 -12.16 -0.24
C LEU B 113 -20.56 -13.41 -1.09
C LEU B 113 -20.51 -13.44 -1.06
N ASP B 114 -21.41 -14.36 -0.68
CA ASP B 114 -21.75 -15.56 -1.44
C ASP B 114 -23.21 -15.40 -1.81
N ASP B 115 -23.50 -15.08 -3.08
CA ASP B 115 -24.87 -14.72 -3.42
C ASP B 115 -25.79 -15.92 -3.23
N ARG B 116 -26.90 -15.72 -2.52
CA ARG B 116 -27.73 -16.87 -2.20
C ARG B 116 -28.49 -17.40 -3.41
N ASN B 117 -28.62 -16.60 -4.46
CA ASN B 117 -29.34 -17.06 -5.65
C ASN B 117 -28.40 -17.41 -6.81
N THR B 118 -27.37 -16.61 -7.06
CA THR B 118 -26.49 -16.86 -8.19
C THR B 118 -25.27 -17.68 -7.83
N PHE B 119 -24.97 -17.80 -6.54
CA PHE B 119 -23.82 -18.50 -5.97
C PHE B 119 -22.50 -17.82 -6.33
N ARG B 120 -22.55 -16.62 -6.89
CA ARG B 120 -21.32 -15.90 -7.25
C ARG B 120 -20.66 -15.28 -6.01
N HIS B 121 -19.34 -15.26 -5.99
CA HIS B 121 -18.58 -14.61 -4.92
C HIS B 121 -18.25 -13.18 -5.27
N SER B 122 -18.30 -12.31 -4.27
CA SER B 122 -17.77 -10.95 -4.50
C SER B 122 -17.19 -10.42 -3.20
N VAL B 123 -16.40 -9.36 -3.33
CA VAL B 123 -15.78 -8.72 -2.17
C VAL B 123 -15.98 -7.21 -2.28
N VAL B 124 -16.48 -6.60 -1.19
CA VAL B 124 -16.95 -5.20 -1.20
C VAL B 124 -16.26 -4.42 -0.08
N VAL B 125 -15.92 -3.17 -0.37
CA VAL B 125 -15.38 -2.22 0.60
C VAL B 125 -16.06 -0.88 0.39
N PRO B 126 -16.12 -0.06 1.42
CA PRO B 126 -16.71 1.27 1.24
C PRO B 126 -15.83 2.10 0.29
N TYR B 127 -16.49 2.94 -0.50
CA TYR B 127 -15.78 3.94 -1.28
C TYR B 127 -15.33 5.06 -0.34
N GLU B 128 -14.04 5.36 -0.36
CA GLU B 128 -13.49 6.47 0.39
C GLU B 128 -12.96 7.52 -0.59
N PRO B 129 -13.43 8.76 -0.53
CA PRO B 129 -12.87 9.79 -1.39
C PRO B 129 -11.41 10.00 -1.08
N PRO B 130 -10.60 10.38 -2.08
CA PRO B 130 -9.20 10.72 -1.82
C PRO B 130 -9.08 11.73 -0.67
N GLU B 131 -7.99 11.61 0.08
CA GLU B 131 -7.72 12.56 1.15
C GLU B 131 -7.59 13.98 0.58
N VAL B 132 -7.93 14.98 1.39
CA VAL B 132 -7.74 16.37 1.02
C VAL B 132 -6.36 16.53 0.38
N GLY B 133 -6.33 16.86 -0.90
CA GLY B 133 -5.09 16.99 -1.64
C GLY B 133 -4.68 15.79 -2.47
N SER B 134 -5.45 14.70 -2.45
CA SER B 134 -5.15 13.51 -3.24
C SER B 134 -5.98 13.50 -4.52
N ASP B 135 -5.66 12.54 -5.42
CA ASP B 135 -6.30 12.46 -6.74
C ASP B 135 -7.12 11.18 -6.98
N CYS B 136 -6.87 10.09 -6.27
CA CYS B 136 -7.58 8.85 -6.53
C CYS B 136 -7.51 7.97 -5.29
N THR B 137 -8.22 6.84 -5.36
CA THR B 137 -8.33 5.91 -4.26
C THR B 137 -7.80 4.55 -4.69
N THR B 138 -6.98 3.94 -3.85
CA THR B 138 -6.40 2.64 -4.18
C THR B 138 -7.02 1.54 -3.34
N ILE B 139 -7.33 0.42 -3.98
CA ILE B 139 -7.77 -0.78 -3.30
C ILE B 139 -6.75 -1.88 -3.54
N HIS B 140 -6.36 -2.55 -2.48
CA HIS B 140 -5.34 -3.58 -2.53
C HIS B 140 -5.96 -4.96 -2.73
N TYR B 141 -6.05 -5.40 -3.99
CA TYR B 141 -6.63 -6.71 -4.28
C TYR B 141 -5.56 -7.80 -4.25
N ASN B 142 -6.01 -9.04 -4.06
CA ASN B 142 -5.15 -10.21 -3.97
C ASN B 142 -5.87 -11.39 -4.63
N TYR B 143 -5.22 -12.05 -5.59
CA TYR B 143 -5.79 -13.22 -6.25
C TYR B 143 -5.10 -14.45 -5.71
N MET B 144 -5.88 -15.41 -5.20
CA MET B 144 -5.30 -16.49 -4.40
C MET B 144 -5.08 -17.79 -5.17
N CYS B 145 -5.29 -17.81 -6.50
CA CYS B 145 -4.90 -18.91 -7.37
C CYS B 145 -4.23 -18.34 -8.61
N ASN B 146 -3.38 -19.17 -9.21
CA ASN B 146 -2.95 -18.95 -10.58
C ASN B 146 -4.09 -19.23 -11.55
N SER B 147 -4.09 -18.49 -12.69
CA SER B 147 -5.04 -18.84 -13.75
C SER B 147 -4.98 -20.31 -14.11
N SER B 148 -3.81 -20.92 -13.98
CA SER B 148 -3.63 -22.31 -14.38
C SER B 148 -4.11 -23.34 -13.35
N CYS B 149 -4.56 -22.94 -12.15
CA CYS B 149 -4.79 -23.93 -11.09
C CYS B 149 -5.79 -25.02 -11.50
N MET B 150 -5.33 -26.27 -11.40
CA MET B 150 -6.22 -27.41 -11.63
C MET B 150 -7.37 -27.44 -10.63
N GLY B 151 -8.57 -27.70 -11.11
CA GLY B 151 -9.73 -27.69 -10.26
C GLY B 151 -10.24 -26.30 -9.86
N GLY B 152 -9.57 -25.23 -10.30
CA GLY B 152 -10.10 -23.89 -10.18
C GLY B 152 -10.24 -23.28 -11.57
N MET B 153 -9.50 -22.21 -11.81
CA MET B 153 -9.61 -21.52 -13.09
C MET B 153 -9.12 -22.37 -14.25
N ASN B 154 -8.17 -23.30 -14.01
CA ASN B 154 -7.83 -24.34 -15.00
C ASN B 154 -7.44 -23.77 -16.37
N ARG B 155 -6.65 -22.68 -16.35
CA ARG B 155 -6.10 -21.99 -17.52
C ARG B 155 -7.17 -21.14 -18.22
N ARG B 156 -8.38 -21.03 -17.68
CA ARG B 156 -9.41 -20.16 -18.29
C ARG B 156 -9.23 -18.70 -17.89
N PRO B 157 -9.13 -17.77 -18.85
CA PRO B 157 -8.98 -16.35 -18.48
C PRO B 157 -10.24 -15.81 -17.80
N ILE B 158 -10.02 -14.86 -16.88
CA ILE B 158 -11.13 -14.23 -16.17
C ILE B 158 -11.10 -12.72 -16.44
N LEU B 159 -12.25 -12.09 -16.21
CA LEU B 159 -12.29 -10.64 -16.06
C LEU B 159 -12.58 -10.37 -14.59
N THR B 160 -12.01 -9.30 -14.05
CA THR B 160 -12.51 -8.74 -12.81
C THR B 160 -13.43 -7.57 -13.13
N ILE B 161 -14.64 -7.60 -12.56
CA ILE B 161 -15.63 -6.55 -12.74
C ILE B 161 -15.66 -5.69 -11.48
N ILE B 162 -15.40 -4.41 -11.60
CA ILE B 162 -15.43 -3.49 -10.46
C ILE B 162 -16.66 -2.63 -10.63
N THR B 163 -17.56 -2.67 -9.65
CA THR B 163 -18.77 -1.84 -9.71
C THR B 163 -18.79 -0.85 -8.56
N LEU B 164 -19.22 0.36 -8.88
CA LEU B 164 -19.45 1.42 -7.91
C LEU B 164 -20.95 1.43 -7.68
N GLU B 165 -21.38 1.19 -6.43
CA GLU B 165 -22.79 1.04 -6.10
C GLU B 165 -23.19 1.98 -4.95
N ASP B 166 -24.37 2.59 -5.01
CA ASP B 166 -24.75 3.38 -3.85
C ASP B 166 -25.28 2.45 -2.77
N SER B 167 -25.56 3.03 -1.60
CA SER B 167 -26.01 2.19 -0.50
C SER B 167 -27.37 1.56 -0.77
N SER B 168 -28.19 2.16 -1.63
CA SER B 168 -29.48 1.59 -2.04
C SER B 168 -29.33 0.43 -3.01
N GLY B 169 -28.13 0.21 -3.54
CA GLY B 169 -27.87 -0.84 -4.50
C GLY B 169 -27.90 -0.40 -5.95
N ASN B 170 -28.15 0.87 -6.23
CA ASN B 170 -28.11 1.36 -7.60
C ASN B 170 -26.71 1.22 -8.19
N LEU B 171 -26.64 0.72 -9.42
CA LEU B 171 -25.37 0.75 -10.15
C LEU B 171 -25.03 2.21 -10.49
N LEU B 172 -23.87 2.68 -10.05
CA LEU B 172 -23.38 4.01 -10.40
C LEU B 172 -22.33 3.97 -11.51
N GLY B 173 -21.50 2.92 -11.54
CA GLY B 173 -20.48 2.81 -12.56
C GLY B 173 -19.99 1.39 -12.61
N ARG B 174 -19.40 1.01 -13.75
CA ARG B 174 -18.89 -0.36 -13.89
C ARG B 174 -17.69 -0.34 -14.82
N ASN B 175 -16.63 -1.03 -14.44
CA ASN B 175 -15.46 -1.18 -15.30
C ASN B 175 -14.93 -2.59 -15.12
N SER B 176 -14.13 -3.05 -16.07
CA SER B 176 -13.57 -4.40 -15.93
C SER B 176 -12.22 -4.47 -16.60
N PHE B 177 -11.45 -5.50 -16.21
CA PHE B 177 -10.14 -5.74 -16.81
C PHE B 177 -9.88 -7.23 -16.78
N GLU B 178 -9.18 -7.71 -17.79
CA GLU B 178 -8.83 -9.12 -17.80
C GLU B 178 -7.71 -9.33 -16.79
N VAL B 179 -7.63 -10.56 -16.24
CA VAL B 179 -6.55 -10.89 -15.31
C VAL B 179 -5.92 -12.20 -15.75
N ARG B 180 -4.60 -12.26 -15.71
CA ARG B 180 -3.87 -13.52 -15.77
C ARG B 180 -3.00 -13.57 -14.52
N VAL B 181 -3.30 -14.51 -13.63
CA VAL B 181 -2.43 -14.77 -12.50
C VAL B 181 -1.45 -15.86 -12.90
N CYS B 182 -0.16 -15.56 -12.81
CA CYS B 182 0.85 -16.43 -13.39
C CYS B 182 2.17 -16.24 -12.65
N ALA B 183 3.11 -17.17 -12.89
CA ALA B 183 4.40 -17.15 -12.23
C ALA B 183 5.29 -16.04 -12.75
N CYS B 184 5.16 -15.70 -14.06
CA CYS B 184 6.09 -14.82 -14.75
C CYS B 184 5.33 -13.71 -15.49
N PRO B 185 4.79 -12.72 -14.75
CA PRO B 185 3.95 -11.70 -15.41
C PRO B 185 4.64 -10.93 -16.52
N GLY B 186 5.91 -10.54 -16.33
CA GLY B 186 6.61 -9.79 -17.36
C GLY B 186 6.76 -10.59 -18.64
N ARG B 187 7.21 -11.84 -18.51
CA ARG B 187 7.31 -12.74 -19.66
C ARG B 187 5.96 -12.87 -20.37
N ASP B 188 4.91 -13.14 -19.61
CA ASP B 188 3.64 -13.51 -20.23
C ASP B 188 2.98 -12.29 -20.87
N ARG B 189 3.18 -11.10 -20.30
CA ARG B 189 2.69 -9.88 -20.95
C ARG B 189 3.39 -9.64 -22.27
N ARG B 190 4.73 -9.75 -22.27
CA ARG B 190 5.48 -9.59 -23.52
C ARG B 190 5.00 -10.56 -24.57
N THR B 191 4.80 -11.83 -24.19
CA THR B 191 4.34 -12.84 -25.14
C THR B 191 2.99 -12.47 -25.72
N GLU B 192 2.04 -12.06 -24.88
CA GLU B 192 0.70 -11.78 -25.37
C GLU B 192 0.65 -10.51 -26.21
N GLU B 193 1.44 -9.50 -25.88
CA GLU B 193 1.44 -8.31 -26.70
C GLU B 193 2.06 -8.58 -28.06
N GLU B 194 3.13 -9.37 -28.09
CA GLU B 194 3.74 -9.77 -29.36
CA GLU B 194 3.74 -9.76 -29.36
C GLU B 194 2.77 -10.60 -30.19
N ASN B 195 2.07 -11.54 -29.57
CA ASN B 195 1.09 -12.33 -30.31
CA ASN B 195 1.07 -12.35 -30.27
C ASN B 195 -0.01 -11.46 -30.88
N LEU B 196 -0.43 -10.43 -30.14
CA LEU B 196 -1.44 -9.51 -30.67
C LEU B 196 -0.93 -8.83 -31.94
N ARG B 197 0.30 -8.32 -31.90
CA ARG B 197 0.85 -7.61 -33.04
C ARG B 197 0.98 -8.51 -34.25
N LYS B 198 1.35 -9.78 -34.04
CA LYS B 198 1.70 -10.67 -35.16
C LYS B 198 0.51 -11.47 -35.70
N LYS B 199 -0.46 -11.80 -34.87
CA LYS B 199 -1.50 -12.75 -35.24
C LYS B 199 -2.92 -12.33 -34.84
N GLY B 200 -3.09 -11.14 -34.26
CA GLY B 200 -4.39 -10.69 -33.79
C GLY B 200 -5.20 -9.96 -34.84
ZN ZN D . 16.54 -7.02 13.65
ZN ZN E . -5.19 -22.57 -6.74
C1 PEG F . 23.16 -11.40 1.31
O1 PEG F . 22.12 -10.61 1.65
C2 PEG F . 24.44 -10.84 1.94
O2 PEG F . 24.78 -11.47 3.20
C3 PEG F . 26.02 -12.24 3.22
C4 PEG F . 27.06 -11.75 4.24
O4 PEG F . 27.10 -12.61 5.30
#